data_4JOJ
#
_entry.id   4JOJ
#
_cell.length_a   36.183
_cell.length_b   48.061
_cell.length_c   97.606
_cell.angle_alpha   90.00
_cell.angle_beta   90.00
_cell.angle_gamma   90.00
#
_symmetry.space_group_name_H-M   'P 21 21 21'
#
loop_
_entity.id
_entity.type
_entity.pdbx_description
1 polymer 'Golgi-associated PDZ and coiled-coil motif-containing protein'
2 polymer 'F-iCAL36 peptide'
3 non-polymer GLYCEROL
4 water water
#
loop_
_entity_poly.entity_id
_entity_poly.type
_entity_poly.pdbx_seq_one_letter_code
_entity_poly.pdbx_strand_id
1 'polypeptide(L)'
;GPIRKVLLLKEDHEGLGISITGGKEHGVPILISEIHPGQPADRCGGLHVGDAILAVNGVNLRDTKHKEAVTILSQQRGEI
EFEVVYV
;
A,B
2 'polypeptide(L)' ANSRFPTSII C,D
#
loop_
_chem_comp.id
_chem_comp.type
_chem_comp.name
_chem_comp.formula
GOL non-polymer GLYCEROL 'C3 H8 O3'
#
# COMPACT_ATOMS: atom_id res chain seq x y z
N GLY A 1 -2.82 -15.56 -23.77
CA GLY A 1 -3.53 -16.74 -23.32
C GLY A 1 -5.01 -16.43 -23.12
N PRO A 2 -5.76 -17.39 -22.57
CA PRO A 2 -7.18 -17.18 -22.34
C PRO A 2 -7.41 -16.21 -21.19
N ILE A 3 -8.45 -15.40 -21.29
CA ILE A 3 -8.85 -14.62 -20.13
C ILE A 3 -9.39 -15.55 -19.05
N ARG A 4 -8.97 -15.32 -17.80
CA ARG A 4 -9.35 -16.16 -16.66
C ARG A 4 -10.03 -15.31 -15.59
N LYS A 5 -10.97 -15.91 -14.88
CA LYS A 5 -11.51 -15.32 -13.66
C LYS A 5 -10.97 -16.09 -12.47
N VAL A 6 -10.44 -15.36 -11.49
CA VAL A 6 -9.74 -15.95 -10.36
C VAL A 6 -10.25 -15.35 -9.05
N LEU A 7 -10.53 -16.19 -8.06
CA LEU A 7 -10.99 -15.73 -6.75
C LEU A 7 -9.84 -15.67 -5.75
N LEU A 8 -9.77 -14.57 -5.01
CA LEU A 8 -8.77 -14.37 -3.96
C LEU A 8 -9.50 -14.07 -2.67
N LEU A 9 -9.09 -14.73 -1.58
CA LEU A 9 -9.62 -14.47 -0.24
C LEU A 9 -8.55 -13.78 0.60
N LYS A 10 -8.87 -12.58 1.09
CA LYS A 10 -7.93 -11.71 1.82
C LYS A 10 -8.56 -11.40 3.18
N GLU A 11 -7.76 -11.46 4.23
N GLU A 11 -7.77 -11.46 4.25
CA GLU A 11 -8.21 -11.01 5.54
CA GLU A 11 -8.24 -10.98 5.53
C GLU A 11 -7.90 -9.51 5.69
C GLU A 11 -7.98 -9.48 5.62
N ASP A 12 -8.62 -8.85 6.59
CA ASP A 12 -8.55 -7.40 6.68
C ASP A 12 -7.20 -6.82 7.15
N HIS A 13 -6.36 -7.67 7.72
CA HIS A 13 -5.05 -7.22 8.20
C HIS A 13 -3.96 -7.36 7.14
N GLU A 14 -4.34 -7.84 5.96
CA GLU A 14 -3.41 -8.19 4.88
C GLU A 14 -3.53 -7.28 3.68
N GLY A 15 -2.46 -7.19 2.89
CA GLY A 15 -2.57 -6.69 1.53
C GLY A 15 -2.88 -7.83 0.57
N LEU A 16 -2.81 -7.54 -0.73
CA LEU A 16 -3.04 -8.57 -1.74
C LEU A 16 -1.87 -9.52 -1.87
N GLY A 17 -0.66 -9.05 -1.61
CA GLY A 17 0.51 -9.90 -1.80
C GLY A 17 1.03 -9.92 -3.23
N ILE A 18 0.90 -8.80 -3.93
CA ILE A 18 1.45 -8.71 -5.28
C ILE A 18 2.20 -7.40 -5.44
N SER A 19 3.11 -7.39 -6.41
CA SER A 19 3.62 -6.12 -6.92
C SER A 19 3.07 -5.93 -8.32
N ILE A 20 2.70 -4.69 -8.63
CA ILE A 20 2.23 -4.36 -9.97
C ILE A 20 3.10 -3.28 -10.60
N THR A 21 3.19 -3.35 -11.91
CA THR A 21 3.89 -2.33 -12.67
C THR A 21 3.02 -1.97 -13.87
N GLY A 22 3.39 -0.92 -14.60
CA GLY A 22 2.63 -0.54 -15.78
C GLY A 22 1.53 0.45 -15.49
N GLY A 23 0.65 0.63 -16.46
CA GLY A 23 -0.41 1.62 -16.37
C GLY A 23 -0.55 2.38 -17.67
N LYS A 24 -1.73 2.96 -17.85
CA LYS A 24 -2.07 3.61 -19.10
C LYS A 24 -1.09 4.70 -19.51
N GLU A 25 -0.55 5.44 -18.54
CA GLU A 25 0.35 6.53 -18.87
C GLU A 25 1.65 6.02 -19.49
N HIS A 26 1.92 4.74 -19.33
CA HIS A 26 3.11 4.10 -19.88
C HIS A 26 2.78 3.25 -21.11
N GLY A 27 1.51 3.18 -21.45
CA GLY A 27 1.08 2.40 -22.61
C GLY A 27 1.21 0.90 -22.41
N VAL A 28 1.16 0.45 -21.16
CA VAL A 28 1.18 -0.99 -20.89
C VAL A 28 0.13 -1.32 -19.83
N PRO A 29 -0.35 -2.56 -19.80
CA PRO A 29 -1.38 -2.92 -18.82
C PRO A 29 -0.85 -2.90 -17.40
N ILE A 30 -1.77 -2.97 -16.45
CA ILE A 30 -1.40 -3.26 -15.08
C ILE A 30 -0.92 -4.72 -15.03
N LEU A 31 0.36 -4.92 -14.76
CA LEU A 31 0.97 -6.23 -14.81
C LEU A 31 1.45 -6.68 -13.43
N ILE A 32 1.23 -7.96 -13.12
CA ILE A 32 1.77 -8.53 -11.89
C ILE A 32 3.25 -8.84 -12.10
N SER A 33 4.11 -8.18 -11.35
CA SER A 33 5.55 -8.43 -11.48
C SER A 33 6.09 -9.29 -10.34
N GLU A 34 5.35 -9.41 -9.25
CA GLU A 34 5.73 -10.27 -8.13
C GLU A 34 4.49 -10.87 -7.48
N ILE A 35 4.61 -12.13 -7.08
CA ILE A 35 3.66 -12.79 -6.19
C ILE A 35 4.42 -13.08 -4.90
N HIS A 36 4.04 -12.47 -3.80
CA HIS A 36 4.82 -12.61 -2.57
C HIS A 36 4.46 -13.89 -1.82
N PRO A 37 5.47 -14.68 -1.45
CA PRO A 37 5.16 -16.02 -0.92
C PRO A 37 4.35 -15.97 0.37
N GLY A 38 3.32 -16.81 0.41
CA GLY A 38 2.49 -16.95 1.60
C GLY A 38 1.41 -15.92 1.81
N GLN A 39 1.38 -14.88 0.96
N GLN A 39 1.36 -14.89 0.95
CA GLN A 39 0.38 -13.83 1.07
CA GLN A 39 0.34 -13.86 1.09
C GLN A 39 -0.86 -14.20 0.23
C GLN A 39 -0.84 -14.18 0.17
N PRO A 40 -1.93 -13.39 0.26
CA PRO A 40 -3.18 -13.89 -0.34
C PRO A 40 -3.15 -14.29 -1.81
N ALA A 41 -2.44 -13.56 -2.66
CA ALA A 41 -2.38 -13.93 -4.08
C ALA A 41 -1.71 -15.27 -4.28
N ASP A 42 -0.62 -15.53 -3.55
CA ASP A 42 0.05 -16.81 -3.61
C ASP A 42 -0.91 -17.92 -3.14
N ARG A 43 -1.57 -17.68 -2.02
CA ARG A 43 -2.47 -18.68 -1.45
C ARG A 43 -3.66 -19.02 -2.34
N CYS A 44 -4.15 -18.05 -3.11
CA CYS A 44 -5.33 -18.31 -3.95
C CYS A 44 -5.02 -19.27 -5.09
N GLY A 45 -3.75 -19.34 -5.49
CA GLY A 45 -3.30 -20.32 -6.49
C GLY A 45 -3.42 -19.96 -7.96
N GLY A 46 -4.21 -18.95 -8.29
CA GLY A 46 -4.54 -18.66 -9.67
C GLY A 46 -3.96 -17.40 -10.27
N LEU A 47 -3.12 -16.68 -9.52
CA LEU A 47 -2.49 -15.43 -10.01
C LEU A 47 -0.99 -15.62 -10.13
N HIS A 48 -0.41 -15.16 -11.24
CA HIS A 48 0.98 -15.42 -11.53
C HIS A 48 1.71 -14.24 -12.11
N VAL A 49 3.02 -14.20 -11.92
CA VAL A 49 3.86 -13.17 -12.51
C VAL A 49 3.66 -13.17 -14.02
N GLY A 50 3.45 -11.99 -14.58
CA GLY A 50 3.23 -11.86 -16.01
C GLY A 50 1.77 -11.71 -16.35
N ASP A 51 0.87 -12.01 -15.41
CA ASP A 51 -0.55 -11.78 -15.63
C ASP A 51 -0.86 -10.27 -15.73
N ALA A 52 -1.66 -9.89 -16.72
CA ALA A 52 -2.23 -8.55 -16.78
C ALA A 52 -3.55 -8.58 -16.04
N ILE A 53 -3.79 -7.59 -15.20
CA ILE A 53 -5.07 -7.48 -14.49
C ILE A 53 -6.01 -6.63 -15.30
N LEU A 54 -7.03 -7.29 -15.86
CA LEU A 54 -8.00 -6.62 -16.72
C LEU A 54 -9.10 -5.98 -15.91
N ALA A 55 -9.48 -6.58 -14.79
CA ALA A 55 -10.55 -6.04 -13.96
C ALA A 55 -10.46 -6.65 -12.55
N VAL A 56 -11.03 -5.94 -11.57
CA VAL A 56 -11.13 -6.47 -10.23
C VAL A 56 -12.52 -6.13 -9.71
N ASN A 57 -13.25 -7.14 -9.22
CA ASN A 57 -14.63 -6.95 -8.77
C ASN A 57 -15.45 -6.15 -9.78
N GLY A 58 -15.26 -6.44 -11.06
CA GLY A 58 -16.01 -5.79 -12.11
C GLY A 58 -15.54 -4.40 -12.53
N VAL A 59 -14.51 -3.88 -11.87
CA VAL A 59 -13.95 -2.58 -12.24
C VAL A 59 -12.86 -2.76 -13.27
N ASN A 60 -13.07 -2.19 -14.45
CA ASN A 60 -12.13 -2.32 -15.56
C ASN A 60 -10.84 -1.61 -15.18
N LEU A 61 -9.71 -2.30 -15.40
CA LEU A 61 -8.40 -1.71 -15.17
C LEU A 61 -7.59 -1.60 -16.44
N ARG A 62 -8.22 -1.86 -17.58
N ARG A 62 -8.20 -1.85 -17.59
CA ARG A 62 -7.53 -1.89 -18.86
CA ARG A 62 -7.43 -1.85 -18.84
C ARG A 62 -6.97 -0.51 -19.26
C ARG A 62 -6.98 -0.45 -19.29
N ASP A 63 -7.65 0.56 -18.85
N ASP A 63 -7.66 0.58 -18.80
CA ASP A 63 -7.24 1.91 -19.24
CA ASP A 63 -7.33 1.95 -19.21
C ASP A 63 -6.90 2.79 -18.03
C ASP A 63 -6.91 2.80 -18.01
N THR A 64 -6.56 2.16 -16.92
CA THR A 64 -6.25 2.88 -15.69
C THR A 64 -4.77 3.26 -15.60
N LYS A 65 -4.51 4.45 -15.07
CA LYS A 65 -3.16 4.84 -14.74
C LYS A 65 -2.68 4.06 -13.52
N HIS A 66 -1.36 4.00 -13.37
CA HIS A 66 -0.76 3.20 -12.30
C HIS A 66 -1.37 3.49 -10.92
N LYS A 67 -1.37 4.76 -10.51
CA LYS A 67 -1.86 5.10 -9.17
C LYS A 67 -3.38 4.94 -9.04
N GLU A 68 -4.11 5.12 -10.13
CA GLU A 68 -5.54 4.81 -10.12
C GLU A 68 -5.75 3.34 -9.77
N ALA A 69 -4.97 2.47 -10.42
CA ALA A 69 -5.07 1.02 -10.16
C ALA A 69 -4.71 0.67 -8.72
N VAL A 70 -3.67 1.31 -8.18
CA VAL A 70 -3.31 1.04 -6.79
C VAL A 70 -4.49 1.37 -5.87
N THR A 71 -5.09 2.54 -6.04
CA THR A 71 -6.25 2.91 -5.21
C THR A 71 -7.40 1.91 -5.34
N ILE A 72 -7.76 1.58 -6.58
CA ILE A 72 -8.85 0.64 -6.79
C ILE A 72 -8.54 -0.72 -6.17
N LEU A 73 -7.35 -1.25 -6.46
CA LEU A 73 -6.99 -2.57 -5.96
C LEU A 73 -6.95 -2.65 -4.43
N SER A 74 -6.34 -1.63 -3.81
CA SER A 74 -6.18 -1.64 -2.35
C SER A 74 -7.50 -1.44 -1.62
N GLN A 75 -8.52 -0.93 -2.30
CA GLN A 75 -9.85 -0.75 -1.69
C GLN A 75 -10.63 -2.06 -1.53
N GLN A 76 -10.27 -3.09 -2.29
CA GLN A 76 -11.07 -4.30 -2.29
C GLN A 76 -10.83 -5.11 -1.03
N ARG A 77 -11.89 -5.71 -0.49
CA ARG A 77 -11.80 -6.49 0.75
C ARG A 77 -12.43 -7.86 0.61
N GLY A 78 -11.93 -8.82 1.37
CA GLY A 78 -12.59 -10.11 1.54
C GLY A 78 -12.44 -11.04 0.36
N GLU A 79 -13.57 -11.36 -0.27
CA GLU A 79 -13.61 -12.26 -1.42
C GLU A 79 -13.55 -11.40 -2.67
N ILE A 80 -12.43 -11.47 -3.38
CA ILE A 80 -12.13 -10.52 -4.45
C ILE A 80 -11.96 -11.27 -5.77
N GLU A 81 -12.73 -10.89 -6.79
CA GLU A 81 -12.66 -11.55 -8.08
C GLU A 81 -11.77 -10.77 -9.04
N PHE A 82 -10.80 -11.46 -9.62
CA PHE A 82 -9.90 -10.89 -10.61
C PHE A 82 -10.21 -11.44 -12.00
N GLU A 83 -10.11 -10.58 -13.00
CA GLU A 83 -10.10 -11.00 -14.39
C GLU A 83 -8.70 -10.74 -14.92
N VAL A 84 -8.00 -11.80 -15.34
CA VAL A 84 -6.60 -11.69 -15.69
C VAL A 84 -6.27 -12.43 -16.98
N VAL A 85 -5.14 -12.12 -17.58
CA VAL A 85 -4.68 -12.84 -18.76
C VAL A 85 -3.18 -12.83 -18.81
N TYR A 86 -2.60 -13.98 -19.13
CA TYR A 86 -1.17 -14.10 -19.34
C TYR A 86 -0.86 -14.01 -20.82
N VAL A 87 -0.06 -13.02 -21.20
CA VAL A 87 0.32 -12.84 -22.59
C VAL A 87 1.81 -13.13 -22.76
N GLY B 1 9.34 -8.52 4.75
CA GLY B 1 8.10 -8.87 5.40
C GLY B 1 6.90 -8.50 4.56
N PRO B 2 5.70 -8.96 4.97
CA PRO B 2 4.46 -8.73 4.22
C PRO B 2 3.81 -7.40 4.58
N ILE B 3 2.99 -6.89 3.68
CA ILE B 3 2.15 -5.75 4.02
C ILE B 3 1.25 -6.11 5.20
N ARG B 4 1.10 -5.17 6.13
CA ARG B 4 0.16 -5.30 7.22
C ARG B 4 -0.75 -4.07 7.22
N LYS B 5 -2.00 -4.27 7.62
CA LYS B 5 -2.90 -3.15 7.90
C LYS B 5 -3.08 -3.11 9.41
N VAL B 6 -2.86 -1.95 10.00
CA VAL B 6 -2.77 -1.78 11.43
C VAL B 6 -3.67 -0.62 11.85
N LEU B 7 -4.52 -0.85 12.84
CA LEU B 7 -5.36 0.21 13.39
C LEU B 7 -4.70 0.92 14.57
N LEU B 8 -4.79 2.24 14.57
CA LEU B 8 -4.31 3.06 15.65
C LEU B 8 -5.49 3.91 16.12
N LEU B 9 -5.74 3.95 17.42
CA LEU B 9 -6.80 4.78 17.97
C LEU B 9 -6.21 6.07 18.53
N LYS B 10 -6.61 7.19 17.94
CA LYS B 10 -6.10 8.50 18.33
C LYS B 10 -7.20 9.33 18.98
N GLU B 11 -6.92 9.87 20.16
CA GLU B 11 -7.84 10.85 20.75
C GLU B 11 -7.61 12.18 20.06
N ASP B 12 -8.66 12.99 19.94
CA ASP B 12 -8.56 14.26 19.24
C ASP B 12 -7.48 15.19 19.81
N HIS B 13 -7.18 15.04 21.09
CA HIS B 13 -6.24 15.94 21.77
C HIS B 13 -4.79 15.46 21.76
N GLU B 14 -4.52 14.32 21.15
CA GLU B 14 -3.16 13.78 21.15
C GLU B 14 -2.63 13.52 19.75
N GLY B 15 -1.30 13.47 19.64
CA GLY B 15 -0.67 13.08 18.39
C GLY B 15 -0.56 11.57 18.28
N LEU B 16 -0.09 11.10 17.13
CA LEU B 16 0.07 9.66 16.90
C LEU B 16 1.27 9.09 17.64
N GLY B 17 2.29 9.92 17.87
CA GLY B 17 3.51 9.47 18.53
C GLY B 17 4.47 8.77 17.59
N ILE B 18 4.69 9.36 16.41
CA ILE B 18 5.54 8.77 15.40
C ILE B 18 6.44 9.86 14.82
N SER B 19 7.73 9.56 14.68
CA SER B 19 8.61 10.40 13.86
C SER B 19 8.71 9.81 12.46
N ILE B 20 8.71 10.69 11.48
CA ILE B 20 8.64 10.37 10.06
C ILE B 20 9.82 10.97 9.32
N THR B 21 10.42 10.18 8.44
CA THR B 21 11.44 10.69 7.53
C THR B 21 11.18 10.15 6.14
N GLY B 22 11.86 10.67 5.12
CA GLY B 22 11.70 10.14 3.78
C GLY B 22 10.62 10.80 2.96
N GLY B 23 10.30 10.17 1.82
CA GLY B 23 9.34 10.72 0.89
C GLY B 23 9.91 10.89 -0.51
N LYS B 24 9.03 11.27 -1.43
CA LYS B 24 9.31 11.27 -2.86
C LYS B 24 10.57 12.03 -3.22
N GLU B 25 10.78 13.19 -2.62
CA GLU B 25 11.93 14.01 -3.01
C GLU B 25 13.26 13.40 -2.60
N HIS B 26 13.21 12.39 -1.73
CA HIS B 26 14.41 11.69 -1.30
C HIS B 26 14.56 10.30 -1.93
N GLY B 27 13.60 9.92 -2.78
CA GLY B 27 13.67 8.64 -3.46
C GLY B 27 13.50 7.43 -2.55
N VAL B 28 12.84 7.63 -1.41
CA VAL B 28 12.57 6.55 -0.46
C VAL B 28 11.15 6.69 0.07
N PRO B 29 10.60 5.63 0.66
CA PRO B 29 9.24 5.74 1.20
C PRO B 29 9.13 6.73 2.37
N ILE B 30 7.90 7.03 2.74
CA ILE B 30 7.61 7.62 4.03
C ILE B 30 7.95 6.55 5.08
N LEU B 31 8.90 6.86 5.94
CA LEU B 31 9.45 5.88 6.87
C LEU B 31 9.24 6.29 8.31
N ILE B 32 8.92 5.31 9.16
CA ILE B 32 8.90 5.54 10.60
C ILE B 32 10.33 5.50 11.14
N SER B 33 10.77 6.61 11.73
CA SER B 33 12.10 6.67 12.29
C SER B 33 12.12 6.56 13.81
N GLU B 34 10.98 6.81 14.46
CA GLU B 34 10.86 6.67 15.91
C GLU B 34 9.43 6.35 16.28
N ILE B 35 9.28 5.50 17.30
CA ILE B 35 7.99 5.23 17.90
C ILE B 35 8.08 5.73 19.36
N HIS B 36 7.29 6.76 19.69
CA HIS B 36 7.39 7.40 20.99
C HIS B 36 6.65 6.61 22.08
N PRO B 37 7.37 6.28 23.17
CA PRO B 37 6.79 5.43 24.22
C PRO B 37 5.48 5.97 24.82
N GLY B 38 4.46 5.12 24.89
CA GLY B 38 3.20 5.46 25.55
C GLY B 38 2.12 6.11 24.71
N GLN B 39 2.47 6.56 23.51
CA GLN B 39 1.50 7.23 22.65
C GLN B 39 0.79 6.24 21.73
N PRO B 40 -0.21 6.70 20.96
CA PRO B 40 -1.06 5.80 20.17
C PRO B 40 -0.31 4.73 19.35
N ALA B 41 0.76 5.12 18.66
CA ALA B 41 1.48 4.16 17.81
C ALA B 41 2.16 3.07 18.65
N ASP B 42 2.78 3.47 19.75
CA ASP B 42 3.36 2.49 20.67
C ASP B 42 2.26 1.57 21.20
N ARG B 43 1.14 2.16 21.60
CA ARG B 43 0.07 1.42 22.26
C ARG B 43 -0.54 0.33 21.37
N CYS B 44 -0.55 0.56 20.06
CA CYS B 44 -1.17 -0.41 19.16
C CYS B 44 -0.26 -1.63 18.91
N GLY B 45 1.03 -1.47 19.17
CA GLY B 45 1.98 -2.57 19.10
C GLY B 45 2.21 -3.17 17.71
N GLY B 46 1.75 -2.50 16.67
CA GLY B 46 1.89 -3.02 15.33
C GLY B 46 2.68 -2.14 14.36
N LEU B 47 3.28 -1.08 14.88
CA LEU B 47 4.07 -0.14 14.08
C LEU B 47 5.49 -0.05 14.63
N HIS B 48 6.48 -0.13 13.75
CA HIS B 48 7.87 -0.22 14.20
C HIS B 48 8.82 0.64 13.38
N VAL B 49 9.95 1.00 14.00
CA VAL B 49 10.98 1.75 13.31
C VAL B 49 11.40 0.97 12.08
N GLY B 50 11.49 1.68 10.97
CA GLY B 50 11.88 1.08 9.71
C GLY B 50 10.70 0.68 8.82
N ASP B 51 9.49 0.66 9.37
CA ASP B 51 8.30 0.43 8.56
C ASP B 51 8.12 1.56 7.56
N ALA B 52 7.75 1.20 6.34
CA ALA B 52 7.30 2.15 5.34
C ALA B 52 5.79 2.28 5.45
N ILE B 53 5.31 3.53 5.45
CA ILE B 53 3.89 3.79 5.42
C ILE B 53 3.49 3.92 3.96
N LEU B 54 2.82 2.91 3.45
CA LEU B 54 2.36 2.88 2.07
C LEU B 54 1.08 3.69 1.87
N ALA B 55 0.19 3.65 2.85
CA ALA B 55 -1.08 4.36 2.76
C ALA B 55 -1.62 4.56 4.17
N VAL B 56 -2.48 5.57 4.30
CA VAL B 56 -3.21 5.78 5.53
C VAL B 56 -4.67 6.07 5.19
N ASN B 57 -5.59 5.33 5.81
CA ASN B 57 -7.01 5.45 5.51
C ASN B 57 -7.32 5.50 4.02
N GLY B 58 -6.62 4.67 3.26
CA GLY B 58 -6.87 4.60 1.83
C GLY B 58 -6.30 5.74 1.00
N VAL B 59 -5.43 6.54 1.60
CA VAL B 59 -4.67 7.55 0.86
C VAL B 59 -3.28 6.98 0.55
N ASN B 60 -3.01 6.77 -0.73
CA ASN B 60 -1.74 6.19 -1.17
C ASN B 60 -0.61 7.20 -1.02
N LEU B 61 0.38 6.85 -0.20
CA LEU B 61 1.53 7.72 0.06
C LEU B 61 2.83 7.16 -0.54
N ARG B 62 2.72 6.25 -1.49
CA ARG B 62 3.91 5.68 -2.13
C ARG B 62 4.69 6.68 -2.98
N ASP B 63 4.03 7.73 -3.44
CA ASP B 63 4.68 8.68 -4.34
C ASP B 63 4.31 10.12 -3.99
N THR B 64 4.49 10.46 -2.72
CA THR B 64 4.13 11.77 -2.19
C THR B 64 5.33 12.35 -1.47
N LYS B 65 5.55 13.64 -1.61
CA LYS B 65 6.64 14.30 -0.90
C LYS B 65 6.38 14.34 0.60
N HIS B 66 7.47 14.46 1.35
CA HIS B 66 7.45 14.46 2.81
C HIS B 66 6.38 15.36 3.42
N LYS B 67 6.39 16.65 3.08
N LYS B 67 6.38 16.65 3.06
CA LYS B 67 5.49 17.61 3.71
CA LYS B 67 5.50 17.62 3.70
C LYS B 67 4.02 17.29 3.50
C LYS B 67 4.02 17.27 3.50
N GLU B 68 3.65 16.96 2.26
CA GLU B 68 2.28 16.62 1.97
C GLU B 68 1.83 15.33 2.66
N ALA B 69 2.70 14.34 2.71
CA ALA B 69 2.37 13.10 3.41
C ALA B 69 2.13 13.37 4.88
N VAL B 70 3.01 14.15 5.48
CA VAL B 70 2.86 14.51 6.89
C VAL B 70 1.55 15.26 7.14
N THR B 71 1.21 16.18 6.26
CA THR B 71 -0.05 16.90 6.40
C THR B 71 -1.26 15.93 6.37
N ILE B 72 -1.29 15.04 5.38
CA ILE B 72 -2.39 14.07 5.30
C ILE B 72 -2.46 13.20 6.55
N LEU B 73 -1.30 12.71 6.98
CA LEU B 73 -1.25 11.88 8.18
C LEU B 73 -1.83 12.63 9.37
N SER B 74 -1.48 13.90 9.50
N SER B 74 -1.49 13.91 9.51
CA SER B 74 -1.88 14.72 10.65
CA SER B 74 -1.90 14.69 10.67
C SER B 74 -3.38 14.99 10.67
C SER B 74 -3.36 15.14 10.65
N GLN B 75 -4.03 14.98 9.50
CA GLN B 75 -5.45 15.27 9.40
C GLN B 75 -6.34 14.11 9.81
N GLN B 76 -5.77 12.92 9.96
CA GLN B 76 -6.56 11.73 10.27
C GLN B 76 -7.03 11.75 11.71
N ARG B 77 -8.22 11.21 11.95
N ARG B 77 -8.22 11.21 11.95
CA ARG B 77 -8.85 11.23 13.27
CA ARG B 77 -8.84 11.24 13.27
C ARG B 77 -9.42 9.87 13.64
C ARG B 77 -9.45 9.89 13.65
N GLY B 78 -9.56 9.64 14.94
CA GLY B 78 -10.21 8.44 15.45
C GLY B 78 -9.42 7.15 15.25
N GLU B 79 -10.09 6.14 14.74
CA GLU B 79 -9.44 4.86 14.45
C GLU B 79 -8.90 4.92 13.03
N ILE B 80 -7.57 4.89 12.93
CA ILE B 80 -6.87 5.19 11.70
C ILE B 80 -6.14 3.94 11.18
N GLU B 81 -6.35 3.61 9.92
CA GLU B 81 -5.74 2.41 9.35
C GLU B 81 -4.45 2.75 8.62
N PHE B 82 -3.34 2.18 9.08
CA PHE B 82 -2.06 2.30 8.41
C PHE B 82 -1.78 1.05 7.59
N GLU B 83 -1.39 1.23 6.33
CA GLU B 83 -0.91 0.14 5.51
C GLU B 83 0.60 0.27 5.47
N VAL B 84 1.29 -0.71 6.06
CA VAL B 84 2.74 -0.62 6.26
C VAL B 84 3.45 -1.88 5.81
N VAL B 85 4.76 -1.75 5.57
CA VAL B 85 5.57 -2.90 5.22
C VAL B 85 6.99 -2.70 5.72
N TYR B 86 7.59 -3.76 6.23
CA TYR B 86 8.99 -3.76 6.59
C TYR B 86 9.65 -4.65 5.55
N VAL B 87 10.26 -4.04 4.54
CA VAL B 87 10.77 -4.79 3.41
C VAL B 87 11.94 -5.70 3.79
N SER C 3 12.73 -1.57 -12.13
CA SER C 3 11.70 -1.90 -13.11
C SER C 3 11.65 -0.86 -14.24
N ARG C 4 11.29 -1.31 -15.44
CA ARG C 4 11.17 -0.42 -16.59
C ARG C 4 10.25 0.76 -16.25
N PHE C 5 9.12 0.44 -15.63
CA PHE C 5 8.19 1.45 -15.17
C PHE C 5 8.01 1.32 -13.66
N PRO C 6 7.35 2.30 -13.03
CA PRO C 6 7.19 2.24 -11.57
C PRO C 6 6.52 0.95 -11.09
N THR C 7 6.88 0.51 -9.89
CA THR C 7 6.30 -0.68 -9.30
C THR C 7 5.73 -0.32 -7.95
N SER C 8 4.56 -0.86 -7.62
CA SER C 8 3.97 -0.69 -6.31
C SER C 8 3.72 -2.05 -5.69
N ILE C 9 4.03 -2.17 -4.40
CA ILE C 9 3.70 -3.37 -3.63
C ILE C 9 2.35 -3.13 -2.99
N ILE C 10 1.42 -4.07 -3.18
CA ILE C 10 0.03 -3.90 -2.72
C ILE C 10 -0.53 -5.18 -2.14
N ALA D 1 16.13 7.07 6.29
CA ALA D 1 17.46 6.48 6.15
C ALA D 1 18.55 7.53 6.36
N ASN D 2 18.95 8.17 5.28
CA ASN D 2 19.98 9.21 5.34
C ASN D 2 19.66 10.25 6.42
N SER D 3 20.58 10.43 7.36
CA SER D 3 20.36 11.32 8.49
C SER D 3 20.08 12.76 8.07
N ARG D 4 20.49 13.14 6.87
CA ARG D 4 20.23 14.49 6.39
C ARG D 4 18.78 14.69 5.93
N PHE D 5 18.04 13.60 5.73
CA PHE D 5 16.62 13.70 5.43
C PHE D 5 15.93 14.24 6.68
N PRO D 6 15.19 15.34 6.54
CA PRO D 6 14.48 15.97 7.66
C PRO D 6 13.46 15.07 8.34
N THR D 7 13.14 15.41 9.59
CA THR D 7 12.22 14.65 10.41
C THR D 7 11.00 15.47 10.77
N SER D 8 9.83 14.85 10.69
CA SER D 8 8.60 15.43 11.19
C SER D 8 8.08 14.53 12.28
N ILE D 9 7.26 15.10 13.16
CA ILE D 9 6.58 14.30 14.18
C ILE D 9 5.08 14.47 14.00
N ILE D 10 4.35 13.36 14.14
CA ILE D 10 2.90 13.36 14.00
C ILE D 10 2.26 12.66 15.19
C1 GOL E . 7.57 -7.43 -0.44
O1 GOL E . 8.00 -6.42 0.44
C2 GOL E . 6.27 -8.04 0.08
O2 GOL E . 6.57 -8.91 1.14
C3 GOL E . 5.34 -6.96 0.61
O3 GOL E . 4.08 -7.52 0.91
C1 GOL F . -9.38 7.41 -15.71
O1 GOL F . -8.58 6.29 -15.99
C2 GOL F . -8.80 8.66 -16.39
O2 GOL F . -7.51 8.94 -15.89
C3 GOL F . -9.75 9.83 -16.18
O3 GOL F . -9.29 10.95 -16.90
C1 GOL G . -0.96 13.00 -7.12
O1 GOL G . -1.35 14.30 -7.51
C2 GOL G . -2.18 12.11 -6.95
O2 GOL G . -1.77 10.78 -7.16
C3 GOL G . -2.68 12.23 -5.51
O3 GOL G . -1.62 12.00 -4.61
#